data_5EWO
#
_entry.id   5EWO
#
_cell.length_a   103.230
_cell.length_b   103.230
_cell.length_c   41.670
_cell.angle_alpha   90.000
_cell.angle_beta   90.000
_cell.angle_gamma   90.000
#
_symmetry.space_group_name_H-M   'P 41 21 2'
#
loop_
_entity.id
_entity.type
_entity.pdbx_description
1 polymer 'Structural protein'
2 non-polymer 'SULFATE ION'
3 water water
#
_entity_poly.entity_id   1
_entity_poly.type   'polypeptide(L)'
_entity_poly.pdbx_seq_one_letter_code
;MGEEYKVVLTFGSPMSPNANNKQTWVNKPLDAPSGHYNVKIAKDVDHYLTMQGFTSIASVDWYTIDFQPSEAPAPIKGLQ
VLVNISKKADVYAVKQFVTAQTNNKHQVTSLFLVKVTTGFQVNNYLSYFYRASATGDATTNLLVRGDTYTAGISFTQGGW
YLLTNTSIVDGAMPPGWVWNNVELKTNTAYHMDKGLVHLIMPLPESTQMCYEMLTSIPAAAELALVPR
;
_entity_poly.pdbx_strand_id   A
#
# COMPACT_ATOMS: atom_id res chain seq x y z
N GLU A 4 4.74 -0.24 19.97
CA GLU A 4 4.21 -1.24 19.04
C GLU A 4 2.80 -1.58 19.42
N TYR A 5 1.94 -1.84 18.43
CA TYR A 5 0.54 -2.18 18.67
C TYR A 5 0.13 -3.37 17.83
N LYS A 6 -0.87 -4.09 18.30
CA LYS A 6 -1.65 -4.95 17.43
C LYS A 6 -2.85 -4.12 16.96
N VAL A 7 -3.01 -4.05 15.65
CA VAL A 7 -3.98 -3.17 15.03
C VAL A 7 -4.94 -4.04 14.22
N VAL A 8 -6.23 -3.92 14.50
CA VAL A 8 -7.27 -4.64 13.74
C VAL A 8 -8.00 -3.64 12.86
N LEU A 9 -7.88 -3.84 11.56
CA LEU A 9 -8.51 -2.99 10.57
C LEU A 9 -9.78 -3.67 10.08
N THR A 10 -10.89 -2.92 10.06
CA THR A 10 -12.12 -3.36 9.45
C THR A 10 -12.21 -2.65 8.11
N PHE A 11 -12.20 -3.43 7.02
N PHE A 11 -12.28 -3.43 7.04
CA PHE A 11 -12.15 -2.87 5.67
CA PHE A 11 -12.27 -2.88 5.71
C PHE A 11 -13.50 -2.24 5.28
C PHE A 11 -13.55 -2.20 5.34
N GLY A 12 -13.43 -1.07 4.65
CA GLY A 12 -14.58 -0.42 4.07
C GLY A 12 -14.88 -0.97 2.69
N SER A 13 -15.72 -0.28 1.94
N SER A 13 -15.70 -0.27 1.94
CA SER A 13 -15.99 -0.64 0.56
CA SER A 13 -15.96 -0.65 0.55
C SER A 13 -14.80 -0.25 -0.32
C SER A 13 -14.77 -0.25 -0.31
N PRO A 14 -14.66 -0.85 -1.51
CA PRO A 14 -13.53 -0.51 -2.37
C PRO A 14 -13.58 0.96 -2.77
N MET A 15 -12.41 1.53 -3.04
CA MET A 15 -12.36 2.90 -3.56
C MET A 15 -12.44 2.89 -5.07
N SER A 16 -13.32 3.70 -5.63
CA SER A 16 -13.39 3.85 -7.08
CA SER A 16 -13.37 3.87 -7.08
C SER A 16 -11.97 4.12 -7.61
N PRO A 17 -11.59 3.49 -8.74
CA PRO A 17 -12.40 2.70 -9.68
C PRO A 17 -12.54 1.21 -9.32
N ASN A 18 -12.08 0.81 -8.14
CA ASN A 18 -12.23 -0.56 -7.72
C ASN A 18 -13.66 -0.95 -7.45
N ALA A 19 -13.88 -2.25 -7.43
CA ALA A 19 -15.19 -2.84 -7.16
C ALA A 19 -14.99 -4.27 -6.68
N ASN A 20 -16.01 -4.79 -6.02
N ASN A 20 -15.92 -4.84 -5.92
CA ASN A 20 -15.94 -6.12 -5.46
CA ASN A 20 -15.67 -6.21 -5.40
C ASN A 20 -15.65 -7.19 -6.51
C ASN A 20 -15.60 -7.26 -6.52
N ASN A 21 -16.15 -6.98 -7.71
CA ASN A 21 -16.05 -7.93 -8.81
C ASN A 21 -14.96 -7.65 -9.82
N LYS A 22 -14.02 -6.76 -9.47
N LYS A 22 -13.97 -6.84 -9.50
CA LYS A 22 -12.92 -6.34 -10.35
CA LYS A 22 -12.89 -6.70 -10.45
C LYS A 22 -11.55 -6.60 -9.71
C LYS A 22 -11.56 -6.58 -9.76
N GLN A 23 -10.54 -6.75 -10.57
CA GLN A 23 -9.17 -6.71 -10.12
C GLN A 23 -8.91 -5.42 -9.34
N THR A 24 -8.06 -5.51 -8.32
CA THR A 24 -7.63 -4.31 -7.61
C THR A 24 -6.68 -3.49 -8.47
N TRP A 25 -7.08 -2.26 -8.74
CA TRP A 25 -6.21 -1.27 -9.37
C TRP A 25 -5.37 -0.59 -8.29
N VAL A 26 -4.09 -0.41 -8.61
CA VAL A 26 -3.12 0.25 -7.75
C VAL A 26 -2.35 1.26 -8.62
N ASN A 27 -1.84 2.32 -8.02
CA ASN A 27 -0.92 3.16 -8.76
C ASN A 27 0.37 2.39 -9.06
N LYS A 28 0.85 2.54 -10.29
N LYS A 28 0.85 2.45 -10.30
CA LYS A 28 2.01 1.79 -10.75
CA LYS A 28 2.12 1.80 -10.67
C LYS A 28 3.32 2.60 -10.75
C LYS A 28 3.34 2.72 -10.58
N PRO A 29 3.37 3.79 -11.38
CA PRO A 29 4.67 4.45 -11.59
C PRO A 29 5.02 5.48 -10.55
N LEU A 30 6.17 6.09 -10.80
CA LEU A 30 6.72 7.16 -9.97
C LEU A 30 6.38 8.55 -10.51
N ASP A 31 5.56 8.61 -11.55
CA ASP A 31 5.07 9.87 -12.07
C ASP A 31 3.56 9.81 -12.19
N ALA A 32 2.98 10.88 -12.73
CA ALA A 32 1.54 11.04 -12.82
C ALA A 32 1.22 11.81 -14.09
N PRO A 33 -0.06 11.78 -14.51
CA PRO A 33 -0.44 12.56 -15.70
C PRO A 33 -0.20 14.04 -15.52
N SER A 34 -0.13 14.73 -16.65
CA SER A 34 0.07 16.16 -16.68
C SER A 34 -0.96 16.86 -15.80
N GLY A 35 -0.48 17.75 -14.94
CA GLY A 35 -1.34 18.48 -14.04
C GLY A 35 -1.68 17.74 -12.75
N HIS A 36 -1.18 16.51 -12.63
CA HIS A 36 -1.48 15.66 -11.49
C HIS A 36 -0.23 15.21 -10.76
N TYR A 37 -0.47 14.54 -9.62
CA TYR A 37 0.58 14.20 -8.69
C TYR A 37 0.37 12.82 -8.12
N ASN A 38 1.47 12.18 -7.81
CA ASN A 38 1.45 10.99 -6.96
C ASN A 38 1.14 11.37 -5.52
N VAL A 39 0.66 10.38 -4.77
CA VAL A 39 0.62 10.48 -3.31
C VAL A 39 1.94 9.91 -2.79
N LYS A 40 2.61 10.64 -1.92
CA LYS A 40 3.90 10.23 -1.36
C LYS A 40 3.76 10.14 0.15
N ILE A 41 4.41 9.15 0.73
CA ILE A 41 4.50 9.05 2.19
C ILE A 41 5.96 9.30 2.53
N ALA A 42 6.21 10.46 3.16
CA ALA A 42 7.56 11.00 3.28
C ALA A 42 7.99 11.25 4.72
N LYS A 43 9.23 10.92 5.00
CA LYS A 43 9.92 11.35 6.21
C LYS A 43 10.61 12.69 5.95
N ASP A 44 11.21 12.83 4.78
CA ASP A 44 11.78 14.09 4.32
C ASP A 44 11.98 14.03 2.80
N VAL A 45 12.56 15.08 2.20
CA VAL A 45 12.63 15.18 0.75
C VAL A 45 13.47 14.06 0.11
N ASP A 46 14.34 13.45 0.90
CA ASP A 46 15.21 12.39 0.40
C ASP A 46 14.81 10.98 0.85
N HIS A 47 13.70 10.87 1.57
CA HIS A 47 13.24 9.59 2.09
C HIS A 47 11.73 9.55 2.03
N TYR A 48 11.20 8.94 0.98
CA TYR A 48 9.77 8.82 0.81
C TYR A 48 9.45 7.67 -0.12
N LEU A 49 8.23 7.18 0.01
CA LEU A 49 7.71 6.10 -0.83
C LEU A 49 6.45 6.58 -1.53
N THR A 50 6.30 6.14 -2.77
CA THR A 50 5.13 6.52 -3.55
C THR A 50 3.99 5.52 -3.33
N MET A 51 2.79 6.04 -3.09
CA MET A 51 1.62 5.19 -2.94
C MET A 51 1.37 4.34 -4.17
N GLN A 52 1.12 3.07 -3.92
CA GLN A 52 0.64 2.12 -4.92
C GLN A 52 -0.78 1.69 -4.53
N GLY A 53 -0.91 0.86 -3.50
CA GLY A 53 -2.23 0.45 -3.03
C GLY A 53 -2.92 1.54 -2.23
N PHE A 54 -4.23 1.65 -2.41
CA PHE A 54 -5.08 2.58 -1.69
C PHE A 54 -6.36 1.87 -1.30
N THR A 55 -6.64 1.85 -0.01
CA THR A 55 -7.78 1.06 0.51
C THR A 55 -8.44 1.85 1.64
N SER A 56 -9.76 1.93 1.62
N SER A 56 -9.77 1.90 1.64
CA SER A 56 -10.55 2.57 2.67
CA SER A 56 -10.50 2.61 2.69
C SER A 56 -10.74 1.61 3.85
C SER A 56 -10.86 1.68 3.84
N ILE A 57 -10.49 2.12 5.05
CA ILE A 57 -10.65 1.37 6.28
C ILE A 57 -11.79 2.01 7.06
N ALA A 58 -12.80 1.19 7.37
CA ALA A 58 -14.00 1.67 8.07
C ALA A 58 -13.74 1.97 9.53
N SER A 59 -12.92 1.15 10.18
CA SER A 59 -12.61 1.37 11.60
C SER A 59 -11.31 0.67 11.97
N VAL A 60 -10.75 1.14 13.08
CA VAL A 60 -9.48 0.64 13.59
C VAL A 60 -9.64 0.38 15.09
N ASP A 61 -9.23 -0.82 15.51
CA ASP A 61 -9.17 -1.17 16.93
C ASP A 61 -7.72 -1.39 17.31
N TRP A 62 -7.31 -0.77 18.41
CA TRP A 62 -5.93 -0.75 18.85
C TRP A 62 -5.75 -1.60 20.10
N TYR A 63 -4.67 -2.37 20.12
CA TYR A 63 -4.32 -3.22 21.23
C TYR A 63 -2.82 -3.17 21.49
N THR A 64 -2.42 -3.55 22.70
CA THR A 64 -1.02 -3.80 23.00
C THR A 64 -0.52 -5.01 22.23
N ILE A 65 0.77 -5.25 22.27
CA ILE A 65 1.37 -6.35 21.57
C ILE A 65 0.87 -7.74 22.06
N ASP A 66 0.33 -7.79 23.24
CA ASP A 66 -0.25 -9.07 23.74
C ASP A 66 -1.77 -9.08 23.70
N PHE A 67 -2.31 -8.20 22.88
CA PHE A 67 -3.72 -8.06 22.64
C PHE A 67 -4.67 -7.45 23.72
N GLN A 68 -4.17 -6.61 24.63
CA GLN A 68 -4.97 -5.84 25.58
C GLN A 68 -5.45 -4.53 24.93
N PRO A 69 -6.68 -4.06 25.25
CA PRO A 69 -7.25 -2.88 24.55
C PRO A 69 -6.54 -1.57 24.86
N SER A 70 -6.43 -0.71 23.85
CA SER A 70 -5.70 0.56 23.99
C SER A 70 -6.40 1.69 23.27
N GLU A 71 -6.19 2.92 23.73
CA GLU A 71 -6.67 4.08 23.01
C GLU A 71 -5.75 4.29 21.81
N ALA A 72 -6.28 4.92 20.77
CA ALA A 72 -5.48 5.21 19.59
C ALA A 72 -4.30 6.11 19.96
N PRO A 73 -3.11 5.86 19.38
CA PRO A 73 -1.97 6.76 19.57
C PRO A 73 -2.16 8.08 18.83
N ALA A 74 -1.32 9.06 19.13
CA ALA A 74 -1.28 10.30 18.37
C ALA A 74 -0.57 10.05 17.04
N PRO A 75 -0.72 10.96 16.07
CA PRO A 75 0.02 10.81 14.81
C PRO A 75 1.52 10.73 15.01
N ILE A 76 2.17 10.04 14.10
CA ILE A 76 3.63 9.96 14.08
C ILE A 76 4.20 11.29 13.59
N LYS A 77 4.95 11.94 14.46
N LYS A 77 5.00 11.95 14.41
CA LYS A 77 5.61 13.17 14.10
CA LYS A 77 5.54 13.25 14.02
C LYS A 77 6.66 12.86 13.03
C LYS A 77 6.58 13.17 12.90
N GLY A 78 6.74 13.75 12.04
N GLY A 78 6.40 14.00 11.87
CA GLY A 78 7.79 13.68 11.05
CA GLY A 78 7.39 14.09 10.80
C GLY A 78 7.56 12.72 9.89
C GLY A 78 7.11 13.25 9.56
N LEU A 79 6.35 12.15 9.80
N LEU A 79 6.21 12.28 9.69
CA LEU A 79 5.92 11.43 8.61
CA LEU A 79 5.89 11.39 8.58
C LEU A 79 4.74 12.21 8.06
C LEU A 79 4.57 11.81 7.95
N GLN A 80 4.66 12.30 6.73
CA GLN A 80 3.57 13.02 6.10
C GLN A 80 3.09 12.31 4.86
N VAL A 81 1.77 12.32 4.63
CA VAL A 81 1.23 11.96 3.33
C VAL A 81 1.09 13.25 2.52
N LEU A 82 1.84 13.36 1.43
CA LEU A 82 1.96 14.56 0.61
C LEU A 82 1.35 14.37 -0.76
N VAL A 83 0.73 15.43 -1.27
CA VAL A 83 0.36 15.54 -2.67
C VAL A 83 0.97 16.85 -3.15
N ASN A 84 1.88 16.74 -4.13
CA ASN A 84 2.74 17.85 -4.55
C ASN A 84 3.57 18.28 -3.35
N ILE A 85 3.30 19.42 -2.75
CA ILE A 85 4.05 19.85 -1.56
C ILE A 85 3.16 20.11 -0.36
N SER A 86 1.95 19.58 -0.39
CA SER A 86 1.00 19.81 0.69
C SER A 86 0.60 18.52 1.40
N LYS A 87 0.58 18.58 2.72
N LYS A 87 0.59 18.55 2.74
CA LYS A 87 0.18 17.45 3.55
CA LYS A 87 0.24 17.36 3.56
C LYS A 87 -1.32 17.23 3.46
C LYS A 87 -1.27 17.15 3.67
N LYS A 88 -1.71 15.97 3.26
CA LYS A 88 -3.13 15.62 3.17
C LYS A 88 -3.58 14.63 4.23
N ALA A 89 -2.64 14.00 4.94
CA ALA A 89 -3.01 12.99 5.92
C ALA A 89 -1.90 12.80 6.94
N ASP A 90 -2.31 12.43 8.15
CA ASP A 90 -1.42 12.00 9.21
C ASP A 90 -1.22 10.49 9.14
N VAL A 91 -0.02 10.05 9.51
CA VAL A 91 0.30 8.64 9.59
C VAL A 91 0.25 8.20 11.05
N TYR A 92 -0.51 7.16 11.34
CA TYR A 92 -0.65 6.66 12.71
C TYR A 92 0.12 5.37 12.98
N ALA A 93 0.35 4.54 11.97
CA ALA A 93 1.05 3.28 12.19
C ALA A 93 1.69 2.85 10.88
N VAL A 94 2.81 2.13 11.00
CA VAL A 94 3.58 1.69 9.86
C VAL A 94 4.08 0.26 10.06
N LYS A 95 4.37 -0.41 8.96
CA LYS A 95 4.93 -1.75 9.02
C LYS A 95 5.58 -2.06 7.69
N GLN A 96 6.78 -2.67 7.71
N GLN A 96 6.71 -2.76 7.75
CA GLN A 96 7.37 -3.25 6.51
CA GLN A 96 7.43 -3.14 6.56
C GLN A 96 7.43 -4.77 6.61
C GLN A 96 7.70 -4.65 6.56
N PHE A 97 7.17 -5.40 5.47
N PHE A 97 7.24 -5.31 5.49
CA PHE A 97 7.39 -6.82 5.28
CA PHE A 97 7.41 -6.75 5.27
C PHE A 97 8.56 -6.92 4.31
C PHE A 97 8.50 -7.05 4.25
N VAL A 98 9.62 -7.59 4.72
CA VAL A 98 10.79 -7.79 3.89
C VAL A 98 10.90 -9.28 3.58
N THR A 99 10.88 -9.58 2.28
CA THR A 99 10.95 -10.94 1.76
C THR A 99 12.20 -11.11 0.94
N ALA A 100 12.99 -12.12 1.25
CA ALA A 100 14.13 -12.48 0.41
C ALA A 100 13.65 -13.44 -0.65
N GLN A 101 13.37 -12.93 -1.86
CA GLN A 101 13.11 -13.83 -2.97
C GLN A 101 14.35 -14.68 -3.26
N THR A 102 15.50 -14.00 -3.33
CA THR A 102 16.82 -14.59 -3.30
C THR A 102 17.67 -13.68 -2.41
N ASN A 103 18.93 -14.05 -2.16
CA ASN A 103 19.74 -13.16 -1.34
C ASN A 103 19.97 -11.81 -2.01
N ASN A 104 19.86 -11.77 -3.34
CA ASN A 104 20.12 -10.57 -4.12
C ASN A 104 18.86 -9.90 -4.69
N LYS A 105 17.69 -10.39 -4.30
CA LYS A 105 16.42 -9.80 -4.73
C LYS A 105 15.48 -9.82 -3.54
N HIS A 106 15.30 -8.65 -2.93
CA HIS A 106 14.38 -8.52 -1.81
C HIS A 106 13.16 -7.74 -2.22
N GLN A 107 12.02 -8.19 -1.73
CA GLN A 107 10.76 -7.49 -1.89
C GLN A 107 10.43 -6.84 -0.56
N VAL A 108 10.07 -5.56 -0.60
CA VAL A 108 9.75 -4.81 0.61
C VAL A 108 8.38 -4.20 0.43
N THR A 109 7.41 -4.60 1.25
CA THR A 109 6.08 -4.00 1.20
C THR A 109 5.88 -3.19 2.48
N SER A 110 5.64 -1.90 2.28
CA SER A 110 5.42 -0.97 3.37
C SER A 110 3.94 -0.63 3.45
N LEU A 111 3.39 -0.69 4.65
N LEU A 111 3.39 -0.72 4.65
CA LEU A 111 2.00 -0.33 4.94
CA LEU A 111 2.02 -0.33 4.94
C LEU A 111 1.97 0.89 5.83
C LEU A 111 2.04 0.95 5.78
N PHE A 112 1.09 1.82 5.47
CA PHE A 112 0.87 3.06 6.23
C PHE A 112 -0.61 3.18 6.52
N LEU A 113 -0.96 3.24 7.80
CA LEU A 113 -2.32 3.53 8.25
C LEU A 113 -2.41 5.02 8.48
N VAL A 114 -3.28 5.68 7.71
CA VAL A 114 -3.32 7.13 7.67
C VAL A 114 -4.74 7.64 7.87
N LYS A 115 -4.87 8.88 8.33
CA LYS A 115 -6.17 9.52 8.46
C LYS A 115 -6.10 10.85 7.69
N VAL A 116 -7.01 10.99 6.73
CA VAL A 116 -6.99 12.15 5.84
C VAL A 116 -7.52 13.39 6.54
N THR A 117 -6.76 14.47 6.41
CA THR A 117 -7.06 15.74 7.05
C THR A 117 -7.51 16.81 6.05
N THR A 118 -7.16 16.69 4.78
CA THR A 118 -7.74 17.53 3.73
C THR A 118 -8.13 16.59 2.61
N GLY A 119 -9.43 16.52 2.30
CA GLY A 119 -9.87 15.67 1.22
C GLY A 119 -9.21 16.07 -0.09
N PHE A 120 -8.96 15.09 -0.95
CA PHE A 120 -8.27 15.39 -2.19
C PHE A 120 -8.55 14.29 -3.20
N GLN A 121 -8.27 14.59 -4.47
CA GLN A 121 -8.36 13.62 -5.53
C GLN A 121 -7.13 13.76 -6.40
N VAL A 122 -6.65 12.63 -6.91
CA VAL A 122 -5.55 12.60 -7.89
C VAL A 122 -5.94 11.72 -9.05
N ASN A 123 -5.46 12.04 -10.25
CA ASN A 123 -5.47 11.10 -11.36
C ASN A 123 -4.11 10.43 -11.37
N ASN A 124 -4.10 9.09 -11.34
CA ASN A 124 -2.88 8.34 -11.38
C ASN A 124 -2.98 7.26 -12.48
N TYR A 125 -1.80 6.79 -12.88
CA TYR A 125 -1.64 5.71 -13.84
C TYR A 125 -1.73 4.36 -13.11
N LEU A 126 -2.84 3.67 -13.27
CA LEU A 126 -3.14 2.48 -12.49
C LEU A 126 -2.85 1.19 -13.26
N SER A 127 -2.50 0.15 -12.52
CA SER A 127 -2.41 -1.19 -13.07
C SER A 127 -2.85 -2.20 -12.02
N TYR A 128 -2.59 -3.47 -12.27
CA TYR A 128 -3.05 -4.54 -11.40
C TYR A 128 -2.14 -5.74 -11.52
N PHE A 129 -2.18 -6.59 -10.49
N PHE A 129 -2.19 -6.60 -10.50
CA PHE A 129 -1.49 -7.87 -10.50
CA PHE A 129 -1.45 -7.86 -10.53
C PHE A 129 -2.23 -8.85 -11.42
C PHE A 129 -2.21 -8.87 -11.37
N TYR A 130 -1.48 -9.71 -12.08
CA TYR A 130 -2.08 -10.77 -12.89
C TYR A 130 -1.11 -11.96 -12.88
N ARG A 131 -1.59 -13.08 -13.41
CA ARG A 131 -0.77 -14.28 -13.49
C ARG A 131 -1.29 -15.10 -14.66
N ALA A 132 -0.45 -15.35 -15.65
CA ALA A 132 -0.89 -16.10 -16.81
C ALA A 132 -1.06 -17.58 -16.47
N SER A 133 -2.00 -18.22 -17.13
CA SER A 133 -2.06 -19.67 -17.15
C SER A 133 -0.82 -20.22 -17.88
N ALA A 134 -0.29 -21.33 -17.41
CA ALA A 134 0.82 -22.04 -18.06
C ALA A 134 0.54 -23.53 -18.03
N THR A 135 1.31 -24.24 -18.83
N THR A 135 1.18 -24.29 -18.91
CA THR A 135 1.18 -25.68 -19.01
CA THR A 135 0.96 -25.72 -18.91
C THR A 135 2.00 -26.44 -17.96
C THR A 135 1.93 -26.44 -18.00
N GLY A 136 1.49 -27.60 -17.54
CA GLY A 136 2.27 -28.46 -16.70
C GLY A 136 2.48 -27.88 -15.34
N ASP A 137 3.57 -28.29 -14.68
N ASP A 137 3.60 -28.27 -14.73
CA ASP A 137 3.87 -27.76 -13.34
CA ASP A 137 3.94 -27.83 -13.38
C ASP A 137 4.85 -26.58 -13.40
C ASP A 137 4.75 -26.54 -13.38
N ALA A 138 4.94 -25.93 -14.55
CA ALA A 138 5.81 -24.76 -14.71
C ALA A 138 5.41 -23.66 -13.74
N THR A 139 6.40 -22.99 -13.17
CA THR A 139 6.13 -21.79 -12.41
C THR A 139 5.57 -20.72 -13.33
N THR A 140 4.51 -20.05 -12.89
CA THR A 140 3.99 -18.90 -13.60
C THR A 140 3.95 -17.74 -12.60
N ASN A 141 4.57 -16.63 -13.02
CA ASN A 141 4.84 -15.55 -12.10
C ASN A 141 3.63 -14.63 -11.86
N LEU A 142 3.58 -14.12 -10.64
CA LEU A 142 2.70 -13.01 -10.28
C LEU A 142 3.38 -11.73 -10.76
N LEU A 143 2.72 -11.05 -11.69
CA LEU A 143 3.29 -9.92 -12.41
C LEU A 143 2.34 -8.73 -12.29
N VAL A 144 2.82 -7.57 -12.71
CA VAL A 144 2.00 -6.35 -12.80
C VAL A 144 1.83 -6.06 -14.29
N ARG A 145 0.59 -5.78 -14.70
CA ARG A 145 0.35 -5.48 -16.11
C ARG A 145 1.14 -4.24 -16.54
N GLY A 146 1.78 -4.30 -17.71
CA GLY A 146 2.51 -3.15 -18.19
C GLY A 146 1.64 -1.94 -18.43
N ASP A 147 0.58 -2.12 -19.21
CA ASP A 147 -0.30 -0.99 -19.52
C ASP A 147 -0.88 -0.37 -18.24
N THR A 148 -0.99 0.94 -18.28
CA THR A 148 -1.71 1.67 -17.25
C THR A 148 -3.04 2.21 -17.73
N TYR A 149 -3.97 2.34 -16.79
N TYR A 149 -3.95 2.36 -16.77
CA TYR A 149 -5.28 2.96 -16.99
CA TYR A 149 -5.27 2.95 -17.01
C TYR A 149 -5.30 4.20 -16.12
C TYR A 149 -5.40 4.18 -16.12
N THR A 150 -5.46 5.36 -16.73
CA THR A 150 -5.48 6.60 -15.98
C THR A 150 -6.85 6.78 -15.35
N ALA A 151 -6.90 6.99 -14.03
CA ALA A 151 -8.17 7.14 -13.33
C ALA A 151 -8.01 7.99 -12.11
N GLY A 152 -9.14 8.58 -11.70
CA GLY A 152 -9.18 9.39 -10.50
C GLY A 152 -9.38 8.55 -9.25
N ILE A 153 -8.70 8.97 -8.18
CA ILE A 153 -8.81 8.36 -6.86
C ILE A 153 -9.14 9.48 -5.88
N SER A 154 -10.15 9.25 -5.03
CA SER A 154 -10.67 10.26 -4.12
CA SER A 154 -10.64 10.27 -4.11
C SER A 154 -10.52 9.82 -2.67
N PHE A 155 -10.02 10.72 -1.84
CA PHE A 155 -9.81 10.49 -0.42
C PHE A 155 -10.60 11.53 0.36
N THR A 156 -11.36 11.06 1.36
CA THR A 156 -12.23 11.98 2.07
CA THR A 156 -12.31 11.86 2.11
C THR A 156 -11.75 12.27 3.48
N GLN A 157 -11.93 13.53 3.83
CA GLN A 157 -11.53 14.02 5.14
C GLN A 157 -12.16 13.20 6.24
N GLY A 158 -11.34 12.83 7.22
CA GLY A 158 -11.78 12.06 8.37
C GLY A 158 -11.70 10.56 8.17
N GLY A 159 -11.47 10.12 6.94
CA GLY A 159 -11.40 8.70 6.68
C GLY A 159 -10.05 8.10 6.99
N TRP A 160 -10.08 6.88 7.50
N TRP A 160 -10.09 6.85 7.43
CA TRP A 160 -8.89 6.04 7.62
CA TRP A 160 -8.90 6.04 7.58
C TRP A 160 -8.63 5.37 6.25
C TRP A 160 -8.63 5.30 6.28
N TYR A 161 -7.36 5.27 5.90
CA TYR A 161 -6.92 4.59 4.69
C TYR A 161 -5.66 3.79 4.97
N LEU A 162 -5.52 2.70 4.23
CA LEU A 162 -4.32 1.88 4.26
C LEU A 162 -3.64 2.08 2.92
N LEU A 163 -2.42 2.61 2.94
CA LEU A 163 -1.62 2.84 1.73
C LEU A 163 -0.46 1.86 1.71
N THR A 164 -0.11 1.39 0.51
CA THR A 164 1.02 0.48 0.40
C THR A 164 2.03 0.99 -0.62
N ASN A 165 3.26 0.47 -0.47
CA ASN A 165 4.29 0.59 -1.48
C ASN A 165 5.12 -0.69 -1.43
N THR A 166 5.38 -1.27 -2.62
CA THR A 166 6.23 -2.44 -2.70
C THR A 166 7.41 -2.13 -3.60
N SER A 167 8.60 -2.36 -3.09
CA SER A 167 9.82 -2.19 -3.82
C SER A 167 10.46 -3.54 -4.04
N ILE A 168 11.23 -3.62 -5.09
CA ILE A 168 12.11 -4.74 -5.36
C ILE A 168 13.51 -4.13 -5.31
N VAL A 169 14.34 -4.61 -4.38
CA VAL A 169 15.70 -4.13 -4.20
C VAL A 169 16.69 -5.20 -4.60
N ASP A 170 17.55 -4.83 -5.54
CA ASP A 170 18.57 -5.73 -6.03
C ASP A 170 19.89 -5.53 -5.30
N GLY A 171 20.46 -6.61 -4.81
CA GLY A 171 21.75 -6.56 -4.17
C GLY A 171 21.69 -6.21 -2.70
N ALA A 172 22.63 -5.36 -2.29
CA ALA A 172 22.80 -5.02 -0.90
C ALA A 172 21.56 -4.40 -0.30
N MET A 173 21.30 -4.72 0.96
CA MET A 173 20.16 -4.17 1.69
C MET A 173 20.63 -3.28 2.82
N PRO A 174 19.82 -2.28 3.19
CA PRO A 174 20.12 -1.48 4.36
C PRO A 174 19.64 -2.18 5.66
N PRO A 175 20.16 -1.60 6.77
N PRO A 175 20.02 -1.77 6.88
CA PRO A 175 19.76 -1.69 8.16
CA PRO A 175 19.66 -2.73 7.97
C PRO A 175 18.52 -0.87 8.33
C PRO A 175 18.28 -2.70 8.71
N GLY A 176 17.49 -1.65 8.51
CA GLY A 176 16.29 -1.29 9.24
C GLY A 176 15.22 -0.96 8.24
N TRP A 177 14.59 0.19 8.38
CA TRP A 177 13.55 0.60 7.44
C TRP A 177 14.14 0.92 6.06
N VAL A 178 13.59 0.28 5.04
CA VAL A 178 14.07 0.45 3.68
C VAL A 178 13.33 1.60 2.99
N TRP A 179 14.07 2.61 2.54
CA TRP A 179 13.47 3.77 1.87
C TRP A 179 13.53 3.74 0.34
N ASN A 180 14.05 2.66 -0.23
CA ASN A 180 14.13 2.55 -1.68
C ASN A 180 12.74 2.68 -2.28
N ASN A 181 12.58 3.62 -3.21
CA ASN A 181 11.29 3.88 -3.84
C ASN A 181 11.38 3.42 -5.29
N VAL A 182 10.66 2.34 -5.60
CA VAL A 182 10.76 1.62 -6.86
C VAL A 182 9.34 1.45 -7.41
N GLU A 183 9.10 1.79 -8.69
N GLU A 183 9.17 1.76 -8.70
CA GLU A 183 7.76 1.59 -9.22
CA GLU A 183 7.94 1.49 -9.42
C GLU A 183 7.49 0.10 -9.32
C GLU A 183 7.51 0.04 -9.25
N LEU A 184 6.23 -0.23 -9.45
CA LEU A 184 5.86 -1.59 -9.71
C LEU A 184 6.49 -1.94 -11.04
N LYS A 185 7.14 -3.09 -11.05
N LYS A 185 7.17 -3.09 -11.08
CA LYS A 185 7.81 -3.62 -12.21
CA LYS A 185 7.82 -3.59 -12.28
C LYS A 185 6.86 -4.47 -13.00
C LYS A 185 6.91 -4.61 -12.92
N THR A 186 7.05 -4.51 -14.31
N THR A 186 6.99 -4.73 -14.24
CA THR A 186 6.37 -5.45 -15.16
CA THR A 186 5.97 -5.46 -14.99
C THR A 186 7.49 -6.38 -15.50
C THR A 186 6.49 -6.74 -15.67
N ASN A 187 7.21 -7.58 -15.99
N ASN A 187 7.79 -6.99 -15.64
CA ASN A 187 8.28 -8.52 -16.28
CA ASN A 187 8.27 -8.26 -16.17
C ASN A 187 9.12 -8.98 -15.09
C ASN A 187 9.06 -9.01 -15.11
N THR A 188 8.72 -8.71 -13.86
CA THR A 188 9.48 -9.16 -12.68
C THR A 188 8.54 -9.85 -11.70
N ALA A 189 8.91 -11.06 -11.29
CA ALA A 189 8.07 -11.81 -10.37
C ALA A 189 7.97 -11.11 -9.02
N TYR A 190 6.75 -11.05 -8.51
CA TYR A 190 6.46 -10.71 -7.12
C TYR A 190 6.09 -11.96 -6.35
N HIS A 191 6.37 -11.94 -5.05
CA HIS A 191 5.84 -12.94 -4.12
C HIS A 191 4.65 -12.33 -3.38
N MET A 192 3.89 -13.17 -2.70
N MET A 192 3.92 -13.17 -2.67
CA MET A 192 2.89 -12.63 -1.79
CA MET A 192 2.88 -12.67 -1.78
C MET A 192 3.51 -12.37 -0.42
C MET A 192 3.47 -12.42 -0.40
N ASP A 193 3.07 -11.31 0.22
CA ASP A 193 3.42 -11.03 1.59
C ASP A 193 2.14 -10.52 2.25
N LYS A 194 2.16 -10.37 3.57
N LYS A 194 2.19 -10.40 3.58
CA LYS A 194 0.96 -9.99 4.29
CA LYS A 194 1.03 -9.95 4.37
C LYS A 194 0.47 -8.59 3.94
C LYS A 194 0.46 -8.65 3.84
N GLY A 195 1.34 -7.77 3.37
CA GLY A 195 0.96 -6.44 2.93
C GLY A 195 0.26 -6.39 1.58
N LEU A 196 0.22 -7.51 0.86
CA LEU A 196 -0.38 -7.58 -0.47
C LEU A 196 -1.69 -8.36 -0.50
N VAL A 197 -2.08 -8.97 0.62
CA VAL A 197 -3.21 -9.90 0.56
C VAL A 197 -4.54 -9.24 0.23
N HIS A 198 -4.63 -7.93 0.44
CA HIS A 198 -5.84 -7.19 0.16
C HIS A 198 -5.84 -6.53 -1.22
N LEU A 199 -4.79 -6.77 -2.03
CA LEU A 199 -4.57 -6.08 -3.30
C LEU A 199 -4.68 -6.97 -4.55
N ILE A 200 -5.29 -8.14 -4.42
CA ILE A 200 -5.58 -8.97 -5.60
C ILE A 200 -6.99 -8.60 -6.13
N MET A 201 -7.99 -8.75 -5.28
CA MET A 201 -9.32 -8.14 -5.49
C MET A 201 -9.74 -7.58 -4.14
N PRO A 202 -10.64 -6.61 -4.12
CA PRO A 202 -11.04 -6.06 -2.82
C PRO A 202 -11.66 -7.10 -1.93
N LEU A 203 -11.24 -7.09 -0.66
CA LEU A 203 -11.87 -7.94 0.33
C LEU A 203 -13.24 -7.37 0.67
N PRO A 204 -14.20 -8.23 1.00
CA PRO A 204 -15.55 -7.75 1.31
C PRO A 204 -15.54 -6.73 2.44
N GLU A 205 -16.36 -5.69 2.28
CA GLU A 205 -16.57 -4.72 3.34
C GLU A 205 -16.88 -5.49 4.64
N SER A 206 -16.26 -5.02 5.71
N SER A 206 -16.27 -5.03 5.72
CA SER A 206 -16.35 -5.57 7.08
CA SER A 206 -16.39 -5.59 7.07
C SER A 206 -15.40 -6.73 7.36
C SER A 206 -15.34 -6.67 7.38
N THR A 207 -14.59 -7.13 6.37
CA THR A 207 -13.50 -8.05 6.62
C THR A 207 -12.54 -7.40 7.62
N GLN A 208 -12.04 -8.20 8.56
CA GLN A 208 -11.06 -7.73 9.52
C GLN A 208 -9.71 -8.39 9.24
N MET A 209 -8.67 -7.58 9.38
N MET A 209 -8.67 -7.58 9.38
CA MET A 209 -7.29 -8.05 9.30
CA MET A 209 -7.29 -8.07 9.29
C MET A 209 -6.52 -7.49 10.49
C MET A 209 -6.48 -7.45 10.43
N CYS A 210 -5.70 -8.29 11.06
N CYS A 210 -5.64 -8.31 11.06
CA CYS A 210 -4.81 -7.88 12.14
CA CYS A 210 -4.81 -7.90 12.19
C CYS A 210 -3.40 -7.66 11.62
C CYS A 210 -3.35 -7.77 11.77
N TYR A 211 -2.72 -6.67 12.21
CA TYR A 211 -1.31 -6.40 11.91
C TYR A 211 -0.60 -5.96 13.17
N GLU A 212 0.66 -6.33 13.28
CA GLU A 212 1.53 -5.76 14.30
C GLU A 212 2.24 -4.59 13.64
N MET A 213 2.06 -3.40 14.19
CA MET A 213 2.56 -2.19 13.56
C MET A 213 3.32 -1.33 14.55
N LEU A 214 4.19 -0.50 14.00
CA LEU A 214 4.99 0.43 14.77
C LEU A 214 4.37 1.81 14.72
N THR A 215 4.68 2.61 15.73
CA THR A 215 4.34 4.03 15.71
C THR A 215 5.57 4.93 15.60
N SER A 216 6.63 4.41 14.98
CA SER A 216 7.83 5.19 14.69
C SER A 216 8.64 4.46 13.64
N ILE A 217 9.50 5.16 12.91
CA ILE A 217 10.40 4.49 11.95
C ILE A 217 11.61 3.96 12.71
#